data_7WAK
#
_entry.id   7WAK
#
_cell.length_a   161.210
_cell.length_b   46.470
_cell.length_c   94.920
_cell.angle_alpha   90.000
_cell.angle_beta   112.050
_cell.angle_gamma   90.000
#
_symmetry.space_group_name_H-M   'C 1 2 1'
#
loop_
_entity.id
_entity.type
_entity.pdbx_description
1 polymer 'Glutamyl-tRNA synthetase'
2 non-polymer "ADENOSINE-5'-DIPHOSPHATE"
3 non-polymer 'PENTAETHYLENE GLYCOL'
4 non-polymer 'CHLORIDE ION'
5 water water
#
_entity_poly.entity_id   1
_entity_poly.type   'polypeptide(L)'
_entity_poly.pdbx_seq_one_letter_code
;GAMANAVIGNVVTRFPPEPSGYLHVGHAKAAFLNNYYAQMYEGKMLLRFDDTNPVLEDIKYEKSIIEDLENLGLKYEKIS
YSSDHFDLLEKYCIDMIKMNKAYADDTGVEDMRNQRGEGIESINRNNSIEKNLELFNEMRKGTEIGQKNCIRAKINMQSK
NKCMRDPVMYRCIVDVPHHKHQFKYKCYPTYDFACPIIDSIEGVTHALRTNEYSDRIEQYNWFISTLNLRKVYIYEFSRL
AFVKTVMSKRKLKWFVENNVVDSWVDPRFPTIKGILRRGLTKEALFQFILEQGPSKAGNLMQWDKLWSINKQIIDPIIPR
YAAVDKNSSILLILTDLTDQVIQKERDLHMKNKSLGTCNMYYNNKYLIELEDAQTLLENEEITLIKLGNIIIKNIEKENG
KIKQINALSNFHGDFKTTKKKIHWLPYLPQQLITCTLYEYDHLITVDKFENDNKDDWTNFINFNSKHETLVYAEPSISSL
KVSDKFQFERRGYFILDKIDPHHHLHLIKIPDGKSKNMSIITT
;
_entity_poly.pdbx_strand_id   A
#
# COMPACT_ATOMS: atom_id res chain seq x y z
N MET A 3 3.85 -23.89 -8.64
CA MET A 3 2.67 -24.53 -8.04
C MET A 3 2.69 -26.02 -8.29
N ALA A 4 3.28 -26.76 -7.37
CA ALA A 4 3.54 -28.17 -7.58
C ALA A 4 2.23 -28.94 -7.57
N ASN A 5 2.07 -29.84 -8.55
CA ASN A 5 0.96 -30.80 -8.56
C ASN A 5 -0.37 -30.05 -8.47
N ALA A 6 -0.45 -28.93 -9.18
CA ALA A 6 -1.67 -28.14 -9.26
C ALA A 6 -2.61 -28.70 -10.34
N VAL A 7 -3.91 -28.71 -10.05
CA VAL A 7 -4.91 -29.26 -10.95
C VAL A 7 -6.05 -28.27 -11.09
N ILE A 8 -6.48 -28.06 -12.33
CA ILE A 8 -7.48 -27.04 -12.64
C ILE A 8 -8.79 -27.39 -11.96
N GLY A 9 -9.31 -26.47 -11.14
CA GLY A 9 -10.51 -26.70 -10.36
C GLY A 9 -10.28 -27.30 -8.99
N ASN A 10 -9.07 -27.77 -8.67
CA ASN A 10 -8.76 -28.30 -7.34
C ASN A 10 -7.61 -27.55 -6.69
N VAL A 11 -7.61 -26.22 -6.76
CA VAL A 11 -6.63 -25.37 -6.10
C VAL A 11 -7.34 -24.51 -5.07
N VAL A 12 -6.82 -24.49 -3.85
CA VAL A 12 -7.32 -23.62 -2.79
C VAL A 12 -6.12 -22.93 -2.16
N THR A 13 -6.15 -21.60 -2.15
CA THR A 13 -5.13 -20.78 -1.51
C THR A 13 -5.77 -19.95 -0.41
N ARG A 14 -4.95 -19.22 0.34
CA ARG A 14 -5.52 -18.33 1.34
C ARG A 14 -4.57 -17.18 1.66
N PHE A 15 -5.17 -16.09 2.11
CA PHE A 15 -4.49 -14.89 2.56
C PHE A 15 -4.63 -14.80 4.07
N PRO A 16 -3.56 -14.85 4.84
CA PRO A 16 -3.70 -15.09 6.28
C PRO A 16 -3.12 -13.97 7.11
N PRO A 17 -3.61 -12.74 6.98
CA PRO A 17 -3.01 -11.62 7.71
C PRO A 17 -3.46 -11.59 9.16
N GLU A 18 -2.65 -10.96 9.97
CA GLU A 18 -3.05 -10.84 11.38
C GLU A 18 -3.82 -9.54 11.58
N PRO A 19 -4.93 -9.55 12.29
CA PRO A 19 -5.58 -8.25 12.55
C PRO A 19 -4.90 -7.50 13.69
N SER A 20 -3.70 -7.02 13.41
CA SER A 20 -2.85 -6.36 14.38
C SER A 20 -2.26 -5.07 13.82
N GLY A 21 -2.94 -4.48 12.85
CA GLY A 21 -2.41 -3.35 12.11
C GLY A 21 -3.05 -3.29 10.74
N TYR A 22 -2.82 -2.17 10.06
CA TYR A 22 -3.34 -1.93 8.71
C TYR A 22 -2.43 -2.55 7.65
N LEU A 23 -3.02 -2.94 6.52
CA LEU A 23 -2.23 -3.53 5.46
C LEU A 23 -1.38 -2.48 4.76
N HIS A 24 -0.16 -2.88 4.36
CA HIS A 24 0.78 -2.07 3.60
C HIS A 24 1.00 -2.73 2.24
N VAL A 25 1.98 -2.24 1.47
CA VAL A 25 2.12 -2.69 0.08
C VAL A 25 2.54 -4.16 0.02
N GLY A 26 3.53 -4.56 0.83
CA GLY A 26 3.98 -5.96 0.79
C GLY A 26 2.84 -6.94 1.04
N HIS A 27 1.98 -6.62 2.01
CA HIS A 27 0.74 -7.34 2.14
C HIS A 27 0.01 -7.43 0.80
N ALA A 28 0.01 -6.32 0.04
CA ALA A 28 -0.71 -6.31 -1.23
C ALA A 28 -0.12 -7.32 -2.20
N LYS A 29 1.21 -7.44 -2.25
CA LYS A 29 1.80 -8.49 -3.09
C LYS A 29 1.29 -9.87 -2.70
N ALA A 30 1.36 -10.19 -1.40
CA ALA A 30 0.91 -11.52 -0.97
C ALA A 30 -0.55 -11.76 -1.35
N ALA A 31 -1.41 -10.79 -1.05
CA ALA A 31 -2.82 -10.97 -1.31
C ALA A 31 -3.06 -11.16 -2.79
N PHE A 32 -2.29 -10.44 -3.61
CA PHE A 32 -2.53 -10.48 -5.03
C PHE A 32 -2.06 -11.78 -5.62
N LEU A 33 -0.89 -12.26 -5.17
CA LEU A 33 -0.36 -13.52 -5.68
C LEU A 33 -1.26 -14.68 -5.30
N ASN A 34 -1.77 -14.70 -4.06
CA ASN A 34 -2.79 -15.68 -3.73
C ASN A 34 -3.95 -15.63 -4.70
N ASN A 35 -4.44 -14.42 -4.99
CA ASN A 35 -5.52 -14.32 -5.98
C ASN A 35 -5.08 -14.82 -7.35
N TYR A 36 -3.85 -14.53 -7.76
CA TYR A 36 -3.41 -14.79 -9.12
C TYR A 36 -3.25 -16.28 -9.35
N TYR A 37 -2.65 -16.98 -8.39
CA TYR A 37 -2.52 -18.43 -8.48
C TYR A 37 -3.88 -19.13 -8.38
N ALA A 38 -4.76 -18.67 -7.48
CA ALA A 38 -6.12 -19.24 -7.44
C ALA A 38 -6.84 -19.06 -8.78
N GLN A 39 -6.81 -17.86 -9.36
CA GLN A 39 -7.47 -17.63 -10.64
C GLN A 39 -6.83 -18.43 -11.76
N MET A 40 -5.51 -18.64 -11.71
CA MET A 40 -4.84 -19.39 -12.77
C MET A 40 -5.38 -20.82 -12.90
N TYR A 41 -5.78 -21.44 -11.80
CA TYR A 41 -6.30 -22.80 -11.85
C TYR A 41 -7.80 -22.87 -11.58
N GLU A 42 -8.52 -21.77 -11.75
CA GLU A 42 -9.96 -21.76 -11.51
C GLU A 42 -10.26 -22.28 -10.10
N GLY A 43 -9.51 -21.76 -9.15
CA GLY A 43 -9.53 -22.25 -7.79
C GLY A 43 -10.33 -21.37 -6.86
N LYS A 44 -10.05 -21.51 -5.57
CA LYS A 44 -10.74 -20.77 -4.53
C LYS A 44 -9.71 -20.17 -3.61
N MET A 45 -10.04 -19.02 -3.04
CA MET A 45 -9.14 -18.28 -2.18
C MET A 45 -9.88 -18.00 -0.88
N LEU A 46 -9.32 -18.46 0.24
CA LEU A 46 -9.90 -18.19 1.54
C LEU A 46 -9.23 -16.98 2.18
N LEU A 47 -9.99 -16.24 2.95
CA LEU A 47 -9.42 -15.18 3.76
C LEU A 47 -9.40 -15.63 5.21
N ARG A 48 -8.20 -15.71 5.79
CA ARG A 48 -8.08 -16.19 7.15
C ARG A 48 -7.52 -15.09 8.01
N PHE A 49 -8.28 -14.67 9.02
CA PHE A 49 -7.76 -13.77 10.03
C PHE A 49 -6.96 -14.60 11.02
N ASP A 50 -5.67 -14.32 11.10
CA ASP A 50 -4.80 -15.15 11.88
C ASP A 50 -4.65 -14.55 13.27
N ASP A 51 -5.59 -14.92 14.15
CA ASP A 51 -5.53 -14.52 15.54
C ASP A 51 -5.06 -15.63 16.46
N THR A 52 -3.98 -16.36 16.11
CA THR A 52 -3.46 -17.41 16.98
C THR A 52 -2.96 -16.84 18.28
N ASN A 53 -2.19 -15.75 18.21
CA ASN A 53 -1.53 -15.18 19.39
C ASN A 53 -1.98 -13.73 19.54
N PRO A 54 -3.23 -13.51 19.98
CA PRO A 54 -3.89 -12.20 20.07
C PRO A 54 -3.51 -11.41 21.33
N ASP A 58 -7.75 -6.42 17.89
CA ASP A 58 -9.05 -5.76 17.70
C ASP A 58 -9.77 -6.06 16.38
N ILE A 59 -10.95 -5.44 16.24
CA ILE A 59 -11.78 -5.62 15.05
C ILE A 59 -11.67 -4.42 14.11
N LYS A 60 -11.23 -3.26 14.59
CA LYS A 60 -10.99 -2.14 13.67
C LYS A 60 -10.06 -2.57 12.55
N TYR A 61 -9.11 -3.45 12.88
CA TYR A 61 -8.17 -3.94 11.87
C TYR A 61 -8.84 -4.91 10.89
N GLU A 62 -9.73 -5.77 11.37
CA GLU A 62 -10.43 -6.67 10.44
C GLU A 62 -11.29 -5.86 9.47
N LYS A 63 -11.96 -4.83 10.00
CA LYS A 63 -12.68 -3.90 9.13
C LYS A 63 -11.74 -3.27 8.11
N SER A 64 -10.58 -2.74 8.58
CA SER A 64 -9.66 -2.06 7.65
C SER A 64 -9.16 -3.02 6.59
N ILE A 65 -8.95 -4.28 6.96
CA ILE A 65 -8.47 -5.28 6.02
C ILE A 65 -9.55 -5.56 4.97
N ILE A 66 -10.79 -5.75 5.41
CA ILE A 66 -11.82 -6.06 4.43
C ILE A 66 -12.02 -4.88 3.47
N GLU A 67 -11.87 -3.65 3.97
CA GLU A 67 -12.00 -2.53 3.04
C GLU A 67 -10.81 -2.44 2.10
N ASP A 68 -9.58 -2.68 2.58
CA ASP A 68 -8.42 -2.63 1.67
C ASP A 68 -8.49 -3.71 0.60
N LEU A 69 -9.00 -4.89 0.95
CA LEU A 69 -9.10 -5.95 -0.03
C LEU A 69 -10.17 -5.63 -1.04
N GLU A 70 -11.33 -5.16 -0.56
CA GLU A 70 -12.36 -4.66 -1.46
C GLU A 70 -11.79 -3.63 -2.42
N ASN A 71 -11.00 -2.68 -1.91
CA ASN A 71 -10.36 -1.65 -2.73
C ASN A 71 -9.42 -2.25 -3.75
N LEU A 72 -8.67 -3.31 -3.37
CA LEU A 72 -7.83 -3.93 -4.38
C LEU A 72 -8.63 -4.80 -5.34
N GLY A 73 -9.93 -4.93 -5.10
CA GLY A 73 -10.78 -5.70 -5.99
C GLY A 73 -10.68 -7.19 -5.83
N LEU A 74 -10.24 -7.68 -4.67
CA LEU A 74 -10.14 -9.11 -4.43
C LEU A 74 -11.41 -9.60 -3.74
N LYS A 75 -11.84 -10.80 -4.09
CA LYS A 75 -13.00 -11.41 -3.46
C LYS A 75 -12.67 -12.83 -3.04
N TYR A 76 -13.26 -13.25 -1.92
CA TYR A 76 -12.88 -14.47 -1.22
C TYR A 76 -14.08 -15.37 -1.08
N GLU A 77 -13.82 -16.67 -1.04
CA GLU A 77 -14.91 -17.62 -0.93
C GLU A 77 -15.47 -17.64 0.48
N LYS A 78 -14.61 -17.65 1.48
CA LYS A 78 -15.02 -17.67 2.87
C LYS A 78 -14.04 -16.89 3.71
N ILE A 79 -14.49 -16.55 4.91
CA ILE A 79 -13.70 -15.88 5.91
C ILE A 79 -13.63 -16.76 7.14
N SER A 80 -12.43 -16.97 7.67
CA SER A 80 -12.29 -17.81 8.84
C SER A 80 -11.34 -17.12 9.81
N TYR A 81 -11.34 -17.63 11.04
CA TYR A 81 -10.42 -17.21 12.09
C TYR A 81 -9.65 -18.43 12.55
N SER A 82 -8.32 -18.28 12.72
CA SER A 82 -7.52 -19.33 13.35
C SER A 82 -8.14 -19.78 14.67
N SER A 83 -8.54 -18.81 15.50
CA SER A 83 -9.32 -19.05 16.71
C SER A 83 -10.34 -20.18 16.54
N ASP A 84 -11.05 -20.23 15.40
CA ASP A 84 -12.13 -21.19 15.20
C ASP A 84 -11.70 -22.64 15.32
N HIS A 85 -10.40 -22.93 15.31
CA HIS A 85 -9.91 -24.30 15.37
C HIS A 85 -9.08 -24.57 16.64
N PHE A 86 -9.14 -23.69 17.64
CA PHE A 86 -8.33 -23.91 18.84
C PHE A 86 -8.67 -25.23 19.52
N ASP A 87 -9.96 -25.48 19.76
CA ASP A 87 -10.36 -26.77 20.32
C ASP A 87 -9.72 -27.91 19.55
N LEU A 88 -9.83 -27.89 18.22
CA LEU A 88 -9.24 -28.98 17.44
C LEU A 88 -7.73 -29.02 17.61
N LEU A 89 -7.07 -27.87 17.58
CA LEU A 89 -5.63 -27.88 17.80
C LEU A 89 -5.31 -28.49 19.14
N GLU A 90 -6.07 -28.15 20.18
CA GLU A 90 -5.89 -28.79 21.47
C GLU A 90 -5.88 -30.30 21.31
N LYS A 91 -6.90 -30.84 20.62
CA LYS A 91 -7.01 -32.28 20.43
C LYS A 91 -5.74 -32.84 19.81
N TYR A 92 -5.28 -32.19 18.73
CA TYR A 92 -4.09 -32.67 18.05
C TYR A 92 -2.89 -32.63 18.97
N CYS A 93 -2.77 -31.55 19.76
CA CYS A 93 -1.70 -31.48 20.74
C CYS A 93 -1.68 -32.72 21.60
N ILE A 94 -2.82 -33.04 22.20
CA ILE A 94 -2.90 -34.21 23.08
C ILE A 94 -2.48 -35.46 22.32
N ASP A 95 -2.93 -35.58 21.06
CA ASP A 95 -2.58 -36.74 20.26
C ASP A 95 -1.06 -36.86 20.14
N MET A 96 -0.39 -35.75 19.83
CA MET A 96 1.07 -35.84 19.68
C MET A 96 1.73 -36.26 20.98
N ILE A 97 1.18 -35.82 22.11
CA ILE A 97 1.74 -36.19 23.40
C ILE A 97 1.66 -37.70 23.59
N LYS A 98 0.59 -38.30 23.09
CA LYS A 98 0.38 -39.73 23.25
C LYS A 98 1.16 -40.56 22.24
N MET A 99 1.63 -39.96 21.15
CA MET A 99 2.50 -40.60 20.19
C MET A 99 3.97 -40.41 20.55
N ASN A 100 4.27 -39.89 21.73
CA ASN A 100 5.61 -39.46 22.11
C ASN A 100 6.25 -38.56 21.06
N LYS A 101 5.45 -37.68 20.47
CA LYS A 101 5.97 -36.66 19.56
C LYS A 101 5.93 -35.25 20.15
N ALA A 102 5.39 -35.08 21.36
CA ALA A 102 5.36 -33.78 22.00
C ALA A 102 5.53 -33.96 23.50
N TYR A 103 6.13 -32.96 24.14
CA TYR A 103 6.42 -33.03 25.56
C TYR A 103 6.33 -31.65 26.20
N ALA A 104 6.00 -31.65 27.49
CA ALA A 104 5.98 -30.43 28.29
C ALA A 104 7.39 -30.07 28.70
N ASP A 105 7.69 -28.78 28.73
CA ASP A 105 9.04 -28.36 29.08
C ASP A 105 8.95 -27.15 29.99
N ASP A 106 9.84 -27.12 30.99
CA ASP A 106 9.98 -25.96 31.88
C ASP A 106 11.37 -25.33 31.86
N THR A 107 12.25 -25.76 30.95
CA THR A 107 13.53 -25.10 30.80
C THR A 107 13.33 -23.63 30.48
N GLY A 108 14.25 -22.78 30.97
CA GLY A 108 14.13 -21.36 30.77
C GLY A 108 14.44 -20.91 29.34
N VAL A 109 13.98 -19.69 29.03
CA VAL A 109 14.03 -19.18 27.66
C VAL A 109 15.48 -19.03 27.18
N GLU A 110 16.35 -18.46 28.00
CA GLU A 110 17.76 -18.33 27.61
C GLU A 110 18.44 -19.69 27.53
N ASP A 111 18.20 -20.48 28.55
CA ASP A 111 18.77 -21.78 28.60
C ASP A 111 18.31 -22.59 27.42
N MET A 112 17.01 -22.60 27.25
CA MET A 112 16.43 -23.33 26.13
C MET A 112 16.99 -22.82 24.81
N ARG A 113 17.23 -21.52 24.72
CA ARG A 113 17.62 -20.94 23.43
C ARG A 113 18.96 -21.51 22.97
N ASN A 114 19.95 -21.56 23.84
CA ASN A 114 21.19 -22.14 23.30
C ASN A 114 21.47 -23.57 23.79
N GLN A 115 20.54 -24.20 24.53
CA GLN A 115 20.45 -25.65 24.47
C GLN A 115 20.06 -26.07 23.06
N ARG A 116 19.16 -25.32 22.43
CA ARG A 116 18.87 -25.50 21.02
C ARG A 116 20.11 -25.20 20.18
N GLY A 117 20.75 -24.06 20.45
CA GLY A 117 21.96 -23.71 19.71
C GLY A 117 23.04 -24.80 19.72
N GLU A 118 23.23 -25.46 20.85
CA GLU A 118 24.27 -26.49 20.91
C GLU A 118 23.71 -27.91 20.85
N GLY A 119 22.39 -28.06 20.70
CA GLY A 119 21.84 -29.37 20.38
C GLY A 119 21.81 -30.38 21.50
N ILE A 120 21.75 -29.95 22.76
CA ILE A 120 21.60 -30.87 23.86
C ILE A 120 20.11 -31.02 24.17
N GLU A 121 19.68 -32.26 24.36
CA GLU A 121 18.28 -32.53 24.65
C GLU A 121 17.90 -31.95 26.01
N SER A 122 16.81 -31.19 26.04
CA SER A 122 16.31 -30.63 27.29
C SER A 122 15.91 -31.73 28.26
N ILE A 123 15.82 -31.36 29.53
CA ILE A 123 15.63 -32.33 30.60
C ILE A 123 14.35 -33.15 30.36
N ASN A 124 13.28 -32.45 30.01
CA ASN A 124 11.96 -33.08 29.93
C ASN A 124 11.72 -33.83 28.62
N ARG A 125 12.69 -33.84 27.70
CA ARG A 125 12.44 -34.47 26.40
C ARG A 125 12.08 -35.94 26.55
N ASN A 126 12.46 -36.57 27.66
CA ASN A 126 12.18 -37.97 27.93
C ASN A 126 11.01 -38.18 28.88
N ASN A 127 10.21 -37.14 29.13
CA ASN A 127 9.13 -37.26 30.10
C ASN A 127 8.18 -38.38 29.70
N SER A 128 7.64 -39.08 30.70
CA SER A 128 6.57 -40.04 30.44
C SER A 128 5.41 -39.35 29.75
N ILE A 129 4.56 -40.14 29.09
CA ILE A 129 3.40 -39.56 28.41
C ILE A 129 2.47 -38.90 29.41
N GLU A 130 2.19 -39.59 30.53
CA GLU A 130 1.15 -39.10 31.42
C GLU A 130 1.61 -37.88 32.19
N LYS A 131 2.92 -37.73 32.42
CA LYS A 131 3.34 -36.45 32.98
C LYS A 131 3.15 -35.33 31.97
N ASN A 132 3.48 -35.58 30.69
CA ASN A 132 3.27 -34.58 29.67
C ASN A 132 1.80 -34.15 29.59
N LEU A 133 0.88 -35.11 29.70
CA LEU A 133 -0.54 -34.77 29.65
C LEU A 133 -0.97 -33.97 30.86
N GLU A 134 -0.57 -34.40 32.06
CA GLU A 134 -1.08 -33.67 33.21
C GLU A 134 -0.44 -32.30 33.32
N LEU A 135 0.78 -32.14 32.81
CA LEU A 135 1.37 -30.81 32.71
C LEU A 135 0.60 -29.96 31.72
N PHE A 136 0.21 -30.54 30.58
CA PHE A 136 -0.63 -29.83 29.63
C PHE A 136 -1.94 -29.38 30.27
N ASN A 137 -2.46 -30.18 31.20
CA ASN A 137 -3.68 -29.77 31.90
C ASN A 137 -3.42 -28.61 32.84
N GLU A 138 -2.30 -28.66 33.54
CA GLU A 138 -1.87 -27.50 34.33
C GLU A 138 -1.91 -26.24 33.46
N MET A 139 -1.41 -26.36 32.23
CA MET A 139 -1.41 -25.22 31.31
C MET A 139 -2.83 -24.78 30.95
N ARG A 140 -3.71 -25.75 30.65
CA ARG A 140 -5.06 -25.40 30.23
C ARG A 140 -5.88 -24.80 31.36
N LYS A 141 -5.43 -24.99 32.60
CA LYS A 141 -6.12 -24.37 33.72
C LYS A 141 -5.49 -23.05 34.15
N GLY A 142 -4.22 -22.80 33.79
CA GLY A 142 -3.53 -21.56 34.16
C GLY A 142 -2.76 -21.56 35.47
N THR A 143 -2.57 -22.72 36.12
CA THR A 143 -1.82 -22.81 37.37
C THR A 143 -0.40 -22.25 37.28
N GLU A 144 0.25 -21.96 38.42
CA GLU A 144 1.63 -21.45 38.38
C GLU A 144 2.58 -22.48 37.78
N ILE A 145 2.33 -23.78 37.99
CA ILE A 145 3.00 -24.80 37.19
C ILE A 145 2.75 -24.57 35.71
N GLY A 146 1.48 -24.38 35.33
CA GLY A 146 1.15 -24.29 33.90
C GLY A 146 1.92 -23.20 33.19
N GLN A 147 2.00 -22.02 33.80
CA GLN A 147 2.67 -20.88 33.19
C GLN A 147 4.17 -21.12 33.05
N LYS A 148 4.70 -22.02 33.86
CA LYS A 148 6.09 -22.41 33.75
C LYS A 148 6.31 -23.46 32.68
N ASN A 149 5.32 -23.68 31.82
CA ASN A 149 5.40 -24.84 30.95
C ASN A 149 4.91 -24.51 29.56
N CYS A 150 5.63 -25.04 28.57
CA CYS A 150 5.29 -24.91 27.18
C CYS A 150 5.40 -26.28 26.53
N ILE A 151 4.47 -26.61 25.64
CA ILE A 151 4.52 -27.87 24.92
C ILE A 151 5.36 -27.67 23.67
N ARG A 152 6.25 -28.59 23.39
CA ARG A 152 7.01 -28.58 22.17
C ARG A 152 7.12 -29.90 21.50
N ALA A 153 7.31 -29.91 20.19
CA ALA A 153 7.40 -31.14 19.41
C ALA A 153 8.75 -31.84 19.62
N LYS A 154 8.73 -33.15 19.50
CA LYS A 154 9.87 -34.02 19.74
C LYS A 154 10.37 -34.45 18.36
N ILE A 155 11.32 -33.67 17.82
CA ILE A 155 11.78 -33.91 16.46
C ILE A 155 13.24 -34.37 16.44
N ASN A 156 14.17 -33.44 16.58
CA ASN A 156 15.59 -33.76 16.55
C ASN A 156 16.41 -32.56 17.05
N MET A 157 16.93 -32.66 18.27
CA MET A 157 17.72 -31.53 18.73
C MET A 157 19.04 -31.41 17.98
N GLN A 158 19.41 -32.41 17.17
CA GLN A 158 20.69 -32.41 16.47
C GLN A 158 20.56 -32.25 14.95
N SER A 159 19.41 -31.77 14.46
CA SER A 159 19.24 -31.58 13.02
C SER A 159 20.01 -30.36 12.53
N LYS A 160 20.51 -30.45 11.29
CA LYS A 160 21.19 -29.30 10.70
C LYS A 160 20.27 -28.09 10.52
N ASN A 161 18.95 -28.29 10.68
CA ASN A 161 17.93 -27.25 10.53
C ASN A 161 17.47 -26.84 11.92
N LYS A 162 17.72 -25.59 12.30
CA LYS A 162 17.38 -25.17 13.67
C LYS A 162 15.86 -25.17 13.89
N CYS A 163 15.07 -24.97 12.84
CA CYS A 163 13.62 -25.12 13.01
C CYS A 163 13.20 -26.54 13.36
N MET A 164 14.08 -27.53 13.17
CA MET A 164 13.80 -28.93 13.46
C MET A 164 14.20 -29.34 14.88
N ARG A 165 14.57 -28.38 15.72
CA ARG A 165 15.10 -28.66 17.06
C ARG A 165 14.05 -28.34 18.12
N ASP A 166 13.02 -29.18 18.19
CA ASP A 166 12.02 -29.13 19.25
C ASP A 166 11.32 -27.77 19.34
N PRO A 167 10.65 -27.31 18.29
CA PRO A 167 9.97 -26.02 18.36
C PRO A 167 8.75 -26.06 19.28
N VAL A 168 8.41 -24.91 19.86
CA VAL A 168 7.31 -24.81 20.82
C VAL A 168 5.98 -24.86 20.07
N MET A 169 5.05 -25.66 20.58
CA MET A 169 3.73 -25.80 19.96
C MET A 169 2.65 -25.09 20.75
N TYR A 170 2.66 -25.20 22.07
CA TYR A 170 1.65 -24.54 22.87
C TYR A 170 2.34 -23.73 23.96
N ARG A 171 1.82 -22.56 24.24
CA ARG A 171 2.32 -21.72 25.32
C ARG A 171 1.16 -21.37 26.24
N CYS A 172 1.46 -21.25 27.52
CA CYS A 172 0.46 -20.74 28.46
C CYS A 172 0.62 -19.22 28.49
N ILE A 173 -0.50 -18.52 28.38
CA ILE A 173 -0.49 -17.06 28.56
C ILE A 173 -1.74 -16.67 29.35
N LYS A 184 -11.05 -16.67 27.51
CA LYS A 184 -11.51 -17.98 27.12
C LYS A 184 -10.45 -19.06 27.36
N TYR A 185 -9.33 -18.95 26.65
CA TYR A 185 -8.26 -19.94 26.70
C TYR A 185 -7.12 -19.47 27.59
N LYS A 186 -6.57 -20.39 28.38
CA LYS A 186 -5.33 -20.10 29.10
C LYS A 186 -4.09 -20.48 28.29
N CYS A 187 -4.20 -21.44 27.37
CA CYS A 187 -3.08 -21.81 26.51
C CYS A 187 -3.43 -21.51 25.06
N TYR A 188 -2.41 -21.14 24.29
CA TYR A 188 -2.56 -20.80 22.89
C TYR A 188 -1.47 -21.47 22.06
N PRO A 189 -1.83 -21.93 20.86
CA PRO A 189 -0.82 -22.50 19.97
C PRO A 189 0.04 -21.42 19.36
N THR A 190 1.27 -21.81 19.03
CA THR A 190 2.18 -20.92 18.33
C THR A 190 1.79 -20.85 16.86
N TYR A 191 2.34 -19.88 16.12
CA TYR A 191 2.16 -19.87 14.67
C TYR A 191 2.65 -21.17 14.06
N ASP A 192 3.87 -21.59 14.42
CA ASP A 192 4.51 -22.70 13.73
C ASP A 192 3.65 -23.95 13.74
N PHE A 193 2.94 -24.17 14.84
CA PHE A 193 2.10 -25.35 14.97
C PHE A 193 0.74 -25.13 14.33
N ALA A 194 0.11 -23.98 14.59
CA ALA A 194 -1.22 -23.72 14.07
C ALA A 194 -1.28 -23.64 12.54
N CYS A 195 -0.24 -23.10 11.88
CA CYS A 195 -0.30 -22.90 10.45
C CYS A 195 -0.50 -24.20 9.64
N PRO A 196 0.35 -25.21 9.75
CA PRO A 196 0.10 -26.40 8.92
C PRO A 196 -1.21 -27.09 9.26
N ILE A 197 -1.58 -27.20 10.54
CA ILE A 197 -2.82 -27.89 10.90
C ILE A 197 -4.03 -27.18 10.29
N ILE A 198 -4.14 -25.87 10.54
CA ILE A 198 -5.28 -25.11 10.02
C ILE A 198 -5.29 -25.11 8.50
N ASP A 199 -4.12 -24.92 7.87
CA ASP A 199 -4.08 -24.95 6.41
C ASP A 199 -4.63 -26.28 5.89
N SER A 200 -4.21 -27.38 6.52
CA SER A 200 -4.67 -28.69 6.08
C SER A 200 -6.17 -28.81 6.23
N ILE A 201 -6.70 -28.61 7.45
CA ILE A 201 -8.10 -28.91 7.70
C ILE A 201 -9.02 -27.90 7.05
N GLU A 202 -8.51 -26.72 6.70
CA GLU A 202 -9.34 -25.77 5.96
C GLU A 202 -9.40 -26.08 4.46
N GLY A 203 -8.63 -27.05 3.99
CA GLY A 203 -8.65 -27.39 2.60
C GLY A 203 -7.67 -26.66 1.73
N VAL A 204 -6.74 -25.88 2.30
CA VAL A 204 -5.73 -25.22 1.47
C VAL A 204 -4.99 -26.27 0.67
N THR A 205 -4.74 -26.00 -0.60
CA THR A 205 -3.85 -26.89 -1.32
C THR A 205 -2.46 -26.30 -1.52
N HIS A 206 -2.37 -24.97 -1.59
CA HIS A 206 -1.08 -24.34 -1.86
C HIS A 206 -0.96 -23.13 -0.95
N ALA A 207 -0.13 -23.24 0.07
CA ALA A 207 0.06 -22.18 1.01
C ALA A 207 1.21 -21.30 0.53
N LEU A 208 0.94 -20.02 0.32
CA LEU A 208 1.96 -19.07 -0.14
C LEU A 208 2.60 -18.42 1.07
N ARG A 209 3.93 -18.43 1.15
CA ARG A 209 4.64 -17.80 2.27
C ARG A 209 5.91 -17.10 1.79
N THR A 210 6.25 -16.01 2.48
CA THR A 210 7.49 -15.28 2.23
C THR A 210 8.68 -16.19 2.44
N ASN A 211 9.63 -16.15 1.51
CA ASN A 211 10.79 -17.01 1.64
C ASN A 211 11.80 -16.53 2.67
N GLU A 212 11.54 -15.44 3.41
CA GLU A 212 12.31 -15.19 4.62
C GLU A 212 12.08 -16.30 5.64
N TYR A 213 10.85 -16.82 5.72
CA TYR A 213 10.57 -18.02 6.53
C TYR A 213 10.71 -19.24 5.63
N SER A 214 11.97 -19.67 5.41
CA SER A 214 12.29 -20.76 4.50
C SER A 214 12.85 -22.00 5.17
N ASP A 215 13.62 -21.86 6.25
CA ASP A 215 13.94 -23.04 7.07
C ASP A 215 12.69 -23.72 7.64
N ARG A 216 11.54 -23.05 7.61
CA ARG A 216 10.33 -23.53 8.29
C ARG A 216 9.68 -24.70 7.57
N ILE A 217 9.89 -24.84 6.25
CA ILE A 217 9.08 -25.74 5.43
C ILE A 217 9.18 -27.18 5.94
N GLU A 218 10.40 -27.68 6.15
CA GLU A 218 10.60 -29.03 6.66
C GLU A 218 9.86 -29.25 7.97
N GLN A 219 9.70 -28.21 8.76
CA GLN A 219 8.95 -28.34 9.99
C GLN A 219 7.45 -28.41 9.71
N TYR A 220 6.96 -27.48 8.89
CA TYR A 220 5.59 -27.52 8.40
C TYR A 220 5.23 -28.94 7.98
N ASN A 221 5.94 -29.47 6.98
CA ASN A 221 5.63 -30.80 6.48
C ASN A 221 5.76 -31.86 7.58
N TRP A 222 6.75 -31.71 8.46
CA TRP A 222 6.84 -32.63 9.58
C TRP A 222 5.50 -32.74 10.29
N PHE A 223 4.97 -31.61 10.77
CA PHE A 223 3.72 -31.63 11.51
C PHE A 223 2.66 -32.38 10.69
N ILE A 224 2.53 -32.01 9.41
CA ILE A 224 1.51 -32.60 8.56
C ILE A 224 1.64 -34.11 8.54
N SER A 225 2.85 -34.63 8.27
CA SER A 225 2.96 -36.07 8.17
C SER A 225 2.87 -36.72 9.54
N THR A 226 3.31 -36.04 10.59
CA THR A 226 3.30 -36.70 11.89
C THR A 226 1.88 -36.90 12.41
N LEU A 227 0.92 -36.13 11.93
CA LEU A 227 -0.46 -36.32 12.31
C LEU A 227 -1.25 -37.05 11.23
N ASN A 228 -0.54 -37.55 10.20
CA ASN A 228 -1.17 -38.18 9.03
C ASN A 228 -2.28 -37.31 8.46
N LEU A 229 -1.98 -36.05 8.20
CA LEU A 229 -2.95 -35.12 7.64
C LEU A 229 -2.69 -34.95 6.16
N ARG A 230 -3.68 -34.40 5.43
CA ARG A 230 -3.57 -34.21 4.00
C ARG A 230 -2.51 -33.15 3.68
N LYS A 231 -1.52 -33.50 2.85
CA LYS A 231 -0.39 -32.62 2.63
C LYS A 231 -0.85 -31.31 2.01
N VAL A 232 -0.11 -30.25 2.31
CA VAL A 232 -0.28 -28.92 1.75
C VAL A 232 1.04 -28.54 1.11
N TYR A 233 1.00 -28.21 -0.18
CA TYR A 233 2.20 -27.73 -0.85
C TYR A 233 2.45 -26.27 -0.50
N ILE A 234 3.71 -25.90 -0.43
CA ILE A 234 4.12 -24.56 -0.07
C ILE A 234 4.75 -23.91 -1.30
N TYR A 235 4.28 -22.71 -1.63
CA TYR A 235 4.86 -21.91 -2.70
C TYR A 235 5.42 -20.65 -2.06
N GLU A 236 6.73 -20.49 -2.17
CA GLU A 236 7.43 -19.35 -1.59
C GLU A 236 7.60 -18.23 -2.63
N PHE A 237 7.70 -17.01 -2.13
CA PHE A 237 7.96 -15.86 -2.97
C PHE A 237 8.77 -14.84 -2.17
N SER A 238 9.38 -13.90 -2.90
CA SER A 238 10.16 -12.84 -2.25
C SER A 238 9.24 -11.81 -1.61
N ARG A 239 9.65 -11.35 -0.42
CA ARG A 239 9.02 -10.24 0.29
C ARG A 239 9.30 -8.94 -0.44
N LEU A 240 8.35 -8.01 -0.38
CA LEU A 240 8.42 -6.74 -1.10
C LEU A 240 8.83 -5.60 -0.16
N ALA A 241 10.02 -5.02 -0.38
CA ALA A 241 10.49 -3.88 0.42
C ALA A 241 10.96 -2.73 -0.48
N PHE A 242 10.70 -1.50 -0.05
CA PHE A 242 11.07 -0.34 -0.84
C PHE A 242 12.19 0.47 -0.17
N VAL A 243 12.97 1.16 -1.02
CA VAL A 243 13.95 2.15 -0.55
C VAL A 243 13.26 3.25 0.23
N LYS A 244 14.04 3.90 1.11
CA LYS A 244 13.62 5.13 1.82
C LYS A 244 12.24 4.98 2.45
N THR A 245 11.89 3.76 2.86
CA THR A 245 10.56 3.46 3.36
C THR A 245 10.67 2.64 4.63
N VAL A 246 9.75 2.87 5.54
CA VAL A 246 9.62 2.06 6.73
C VAL A 246 8.24 1.42 6.72
N MET A 247 8.18 0.13 7.00
CA MET A 247 6.90 -0.53 7.18
C MET A 247 6.78 -1.26 8.51
N SER A 248 7.79 -1.18 9.40
CA SER A 248 7.64 -1.70 10.75
C SER A 248 6.43 -1.04 11.40
N LYS A 249 5.64 -1.82 12.13
CA LYS A 249 4.43 -1.25 12.71
C LYS A 249 4.79 -0.27 13.82
N ARG A 250 5.88 -0.53 14.55
CA ARG A 250 6.28 0.37 15.63
C ARG A 250 6.79 1.71 15.09
N LYS A 251 7.62 1.67 14.04
CA LYS A 251 8.10 2.94 13.48
C LYS A 251 6.96 3.79 12.93
N LEU A 252 5.97 3.15 12.30
CA LEU A 252 4.85 3.89 11.75
C LEU A 252 3.98 4.49 12.86
N LYS A 253 3.69 3.72 13.91
CA LYS A 253 2.94 4.34 14.99
C LYS A 253 3.74 5.47 15.64
N TRP A 254 5.07 5.37 15.64
CA TRP A 254 5.86 6.47 16.15
C TRP A 254 5.66 7.72 15.31
N PHE A 255 5.71 7.57 13.98
CA PHE A 255 5.41 8.71 13.12
C PHE A 255 4.09 9.36 13.48
N VAL A 256 3.07 8.53 13.75
CA VAL A 256 1.74 9.07 13.99
C VAL A 256 1.64 9.75 15.37
N GLU A 257 2.30 9.18 16.39
CA GLU A 257 2.10 9.69 17.75
C GLU A 257 2.77 11.04 17.96
N ASN A 258 3.78 11.37 17.16
CA ASN A 258 4.46 12.66 17.27
C ASN A 258 3.92 13.71 16.31
N ASN A 259 2.78 13.43 15.67
CA ASN A 259 2.13 14.34 14.73
C ASN A 259 3.05 14.72 13.57
N VAL A 260 3.99 13.84 13.24
CA VAL A 260 4.73 13.98 11.97
C VAL A 260 3.80 13.75 10.79
N VAL A 261 2.92 12.75 10.91
CA VAL A 261 1.70 12.65 10.12
C VAL A 261 0.56 12.78 11.11
N ASP A 262 -0.69 12.80 10.65
CA ASP A 262 -1.77 12.83 11.63
C ASP A 262 -2.85 11.79 11.33
N SER A 263 -2.50 10.76 10.54
CA SER A 263 -3.41 9.67 10.26
C SER A 263 -2.60 8.54 9.65
N TRP A 264 -3.12 7.32 9.78
CA TRP A 264 -2.53 6.21 9.05
C TRP A 264 -2.79 6.29 7.55
N VAL A 265 -3.68 7.17 7.12
CA VAL A 265 -3.99 7.32 5.71
C VAL A 265 -3.12 8.41 5.04
N ASP A 266 -2.03 8.84 5.69
CA ASP A 266 -1.18 9.92 5.18
C ASP A 266 -0.55 9.48 3.86
N PRO A 267 -0.50 10.38 2.86
CA PRO A 267 0.01 9.97 1.53
C PRO A 267 1.47 9.57 1.52
N ARG A 268 2.17 9.75 2.62
CA ARG A 268 3.56 9.35 2.74
C ARG A 268 3.70 7.96 3.31
N PHE A 269 2.61 7.31 3.64
CA PHE A 269 2.58 6.01 4.29
C PHE A 269 2.45 4.88 3.26
N PRO A 270 3.23 3.85 3.37
CA PRO A 270 3.13 2.70 2.44
C PRO A 270 1.93 1.81 2.68
N THR A 271 1.02 2.19 3.57
CA THR A 271 -0.24 1.48 3.67
C THR A 271 -1.00 1.57 2.37
N ILE A 272 -1.75 0.50 2.08
CA ILE A 272 -2.67 0.48 0.95
C ILE A 272 -3.57 1.71 0.94
N LYS A 273 -4.12 2.07 2.10
CA LYS A 273 -4.95 3.27 2.18
C LYS A 273 -4.16 4.49 1.72
N GLY A 274 -2.98 4.68 2.32
CA GLY A 274 -2.18 5.84 1.99
C GLY A 274 -1.72 5.81 0.55
N ILE A 275 -1.33 4.63 0.06
CA ILE A 275 -0.82 4.58 -1.29
C ILE A 275 -1.91 4.79 -2.34
N LEU A 276 -3.14 4.35 -2.10
CA LEU A 276 -4.21 4.64 -3.05
C LEU A 276 -4.61 6.11 -2.98
N ARG A 277 -4.65 6.67 -1.78
CA ARG A 277 -4.91 8.11 -1.64
C ARG A 277 -3.90 8.93 -2.45
N ARG A 278 -2.63 8.51 -2.44
CA ARG A 278 -1.54 9.16 -3.15
C ARG A 278 -1.68 9.06 -4.67
N GLY A 279 -2.58 8.24 -5.18
CA GLY A 279 -2.80 8.17 -6.62
C GLY A 279 -2.56 6.81 -7.26
N LEU A 280 -1.93 5.85 -6.57
CA LEU A 280 -1.68 4.55 -7.17
C LEU A 280 -2.99 3.88 -7.57
N THR A 281 -2.96 3.20 -8.72
CA THR A 281 -4.07 2.35 -9.17
C THR A 281 -3.75 0.88 -8.91
N LYS A 282 -4.76 0.13 -8.47
CA LYS A 282 -4.56 -1.30 -8.22
C LYS A 282 -3.93 -2.00 -9.42
N GLU A 283 -4.40 -1.68 -10.62
CA GLU A 283 -3.82 -2.23 -11.85
C GLU A 283 -2.31 -2.01 -11.88
N ALA A 284 -1.85 -0.80 -11.58
CA ALA A 284 -0.43 -0.54 -11.69
C ALA A 284 0.34 -1.33 -10.65
N LEU A 285 -0.24 -1.49 -9.47
CA LEU A 285 0.46 -2.23 -8.42
C LEU A 285 0.57 -3.71 -8.79
N PHE A 286 -0.50 -4.27 -9.34
CA PHE A 286 -0.47 -5.66 -9.76
C PHE A 286 0.51 -5.87 -10.91
N GLN A 287 0.49 -4.98 -11.90
CA GLN A 287 1.45 -5.12 -12.99
C GLN A 287 2.88 -5.01 -12.48
N PHE A 288 3.14 -4.04 -11.60
CA PHE A 288 4.48 -3.89 -11.06
C PHE A 288 4.89 -5.12 -10.26
N ILE A 289 3.95 -5.80 -9.62
CA ILE A 289 4.31 -7.03 -8.92
C ILE A 289 4.71 -8.11 -9.91
N LEU A 290 3.97 -8.25 -11.01
CA LEU A 290 4.27 -9.30 -11.96
C LEU A 290 5.54 -9.02 -12.73
N GLU A 291 5.78 -7.76 -13.06
CA GLU A 291 6.77 -7.47 -14.09
C GLU A 291 8.08 -7.04 -13.46
N GLN A 292 8.44 -7.67 -12.35
CA GLN A 292 9.76 -7.53 -11.73
C GLN A 292 10.22 -8.89 -11.20
N ASN A 299 17.16 -6.96 -0.39
CA ASN A 299 17.31 -5.98 -1.42
C ASN A 299 16.03 -5.41 -2.01
N LEU A 300 15.92 -4.11 -1.75
CA LEU A 300 14.84 -3.21 -2.01
C LEU A 300 14.57 -2.72 -3.39
N MET A 301 13.37 -2.20 -3.56
CA MET A 301 12.90 -1.69 -4.82
C MET A 301 12.66 -0.22 -4.82
N GLN A 302 12.67 0.35 -6.01
CA GLN A 302 12.50 1.79 -6.18
C GLN A 302 11.07 2.12 -6.58
N TRP A 303 10.48 3.12 -5.91
CA TRP A 303 9.12 3.55 -6.25
C TRP A 303 9.04 4.06 -7.67
N ASP A 304 10.17 4.40 -8.28
CA ASP A 304 10.16 5.03 -9.59
C ASP A 304 9.45 4.17 -10.62
N LYS A 305 9.68 2.85 -10.61
CA LYS A 305 9.06 2.00 -11.63
C LYS A 305 7.59 1.75 -11.37
N LEU A 306 7.20 1.67 -10.10
CA LEU A 306 5.79 1.57 -9.77
C LEU A 306 5.03 2.80 -10.25
N TRP A 307 5.56 4.00 -9.97
CA TRP A 307 4.87 5.21 -10.43
C TRP A 307 4.99 5.40 -11.94
N SER A 308 6.04 4.89 -12.58
CA SER A 308 6.08 4.95 -14.05
C SER A 308 5.00 4.07 -14.67
N ILE A 309 4.81 2.87 -14.14
CA ILE A 309 3.70 2.05 -14.61
C ILE A 309 2.38 2.76 -14.37
N ASN A 310 2.21 3.34 -13.17
CA ASN A 310 0.96 4.03 -12.87
C ASN A 310 0.73 5.19 -13.85
N LYS A 311 1.77 5.93 -14.19
CA LYS A 311 1.68 6.98 -15.19
C LYS A 311 1.23 6.42 -16.53
N GLN A 312 1.93 5.39 -17.02
CA GLN A 312 1.56 4.80 -18.31
C GLN A 312 0.12 4.33 -18.32
N ILE A 313 -0.39 3.86 -17.18
CA ILE A 313 -1.76 3.37 -17.11
C ILE A 313 -2.77 4.51 -17.06
N ILE A 314 -2.51 5.58 -16.28
CA ILE A 314 -3.56 6.58 -16.09
C ILE A 314 -3.52 7.65 -17.17
N ASP A 315 -2.34 7.95 -17.71
CA ASP A 315 -2.19 9.02 -18.68
C ASP A 315 -3.27 9.07 -19.79
N PRO A 316 -3.62 7.94 -20.42
CA PRO A 316 -4.58 8.04 -21.55
C PRO A 316 -6.04 7.99 -21.14
N ILE A 317 -6.39 7.95 -19.86
CA ILE A 317 -7.80 7.86 -19.48
C ILE A 317 -8.19 8.98 -18.51
N ILE A 318 -7.35 9.99 -18.32
CA ILE A 318 -7.64 11.09 -17.40
C ILE A 318 -7.76 12.40 -18.17
N PRO A 319 -8.59 13.34 -17.75
CA PRO A 319 -8.67 14.63 -18.43
C PRO A 319 -7.49 15.52 -18.10
N ARG A 320 -7.27 16.50 -18.98
CA ARG A 320 -6.26 17.54 -18.81
C ARG A 320 -6.94 18.87 -18.54
N TYR A 321 -6.61 19.46 -17.40
CA TYR A 321 -7.05 20.79 -16.98
C TYR A 321 -5.84 21.71 -16.84
N ALA A 322 -6.13 22.99 -16.71
CA ALA A 322 -5.15 24.05 -16.68
C ALA A 322 -5.07 24.65 -15.28
N ALA A 323 -3.87 25.03 -14.88
CA ALA A 323 -3.70 25.74 -13.62
C ALA A 323 -2.52 26.68 -13.75
N VAL A 324 -2.61 27.81 -13.05
CA VAL A 324 -1.47 28.71 -12.91
C VAL A 324 -1.35 29.10 -11.46
N ASP A 325 -0.11 29.30 -11.03
CA ASP A 325 0.22 29.82 -9.72
C ASP A 325 -0.70 30.99 -9.35
N LYS A 326 -1.25 30.93 -8.14
CA LYS A 326 -2.19 31.97 -7.70
C LYS A 326 -1.50 33.31 -7.55
N ASN A 327 -0.29 33.31 -6.96
CA ASN A 327 0.35 34.57 -6.59
C ASN A 327 1.32 35.08 -7.67
N SER A 328 2.14 34.20 -8.27
CA SER A 328 3.13 34.63 -9.26
C SER A 328 2.54 34.77 -10.66
N SER A 329 1.24 34.52 -10.85
CA SER A 329 0.62 34.64 -12.17
C SER A 329 0.79 36.04 -12.74
N ILE A 330 1.02 36.12 -14.05
CA ILE A 330 1.18 37.38 -14.77
C ILE A 330 -0.01 37.58 -15.70
N LEU A 331 -0.50 38.81 -15.77
CA LEU A 331 -1.65 39.18 -16.59
C LEU A 331 -1.25 39.44 -18.04
N LEU A 332 -1.89 38.70 -18.96
CA LEU A 332 -1.72 38.89 -20.41
C LEU A 332 -2.99 39.49 -21.01
N ILE A 333 -2.84 40.54 -21.83
CA ILE A 333 -3.95 41.26 -22.44
C ILE A 333 -3.93 41.10 -23.95
N LEU A 334 -5.05 40.63 -24.52
CA LEU A 334 -5.22 40.67 -25.97
C LEU A 334 -5.92 41.98 -26.33
N THR A 335 -5.13 42.97 -26.78
CA THR A 335 -5.66 44.33 -26.98
C THR A 335 -6.82 44.36 -27.96
N ASP A 336 -6.84 43.44 -28.92
CA ASP A 336 -7.77 43.55 -30.04
C ASP A 336 -9.10 42.83 -29.81
N LEU A 337 -9.28 42.15 -28.68
CA LEU A 337 -10.58 41.57 -28.35
C LEU A 337 -11.33 42.49 -27.39
N THR A 338 -12.59 42.13 -27.12
CA THR A 338 -13.37 42.83 -26.12
C THR A 338 -13.49 41.95 -24.87
N ASP A 339 -14.18 42.49 -23.87
CA ASP A 339 -14.39 41.78 -22.61
C ASP A 339 -15.62 40.87 -22.63
N GLN A 340 -16.09 40.49 -23.81
CA GLN A 340 -17.20 39.56 -23.95
C GLN A 340 -16.65 38.15 -23.89
N VAL A 341 -17.08 37.38 -22.89
CA VAL A 341 -16.54 36.03 -22.72
C VAL A 341 -17.19 35.12 -23.74
N ILE A 342 -16.37 34.46 -24.54
CA ILE A 342 -16.78 33.47 -25.53
C ILE A 342 -16.56 32.09 -24.95
N GLN A 343 -17.53 31.20 -25.17
CA GLN A 343 -17.50 29.83 -24.67
C GLN A 343 -17.33 28.84 -25.84
N LYS A 344 -16.51 27.82 -25.62
CA LYS A 344 -16.27 26.81 -26.64
C LYS A 344 -16.12 25.46 -25.96
N GLU A 345 -16.97 24.51 -26.33
CA GLU A 345 -16.75 23.13 -25.90
C GLU A 345 -15.48 22.60 -26.55
N ARG A 346 -14.62 21.97 -25.75
CA ARG A 346 -13.48 21.23 -26.27
C ARG A 346 -13.45 19.87 -25.58
N ASP A 347 -12.63 18.96 -26.08
CA ASP A 347 -12.55 17.62 -25.50
C ASP A 347 -11.54 17.58 -24.35
N LEU A 348 -11.87 16.78 -23.32
CA LEU A 348 -11.06 16.76 -22.10
C LEU A 348 -9.67 16.22 -22.38
N HIS A 349 -9.61 15.10 -23.09
CA HIS A 349 -8.37 14.48 -23.56
C HIS A 349 -8.48 14.41 -25.08
N MET A 350 -7.54 15.04 -25.77
CA MET A 350 -7.63 15.10 -27.23
C MET A 350 -7.50 13.73 -27.86
N LYS A 351 -6.62 12.88 -27.31
CA LYS A 351 -6.29 11.62 -27.97
C LYS A 351 -7.45 10.62 -27.89
N ASN A 352 -8.01 10.43 -26.69
CA ASN A 352 -9.18 9.58 -26.51
C ASN A 352 -10.41 10.48 -26.49
N LYS A 353 -11.08 10.58 -27.65
CA LYS A 353 -12.15 11.54 -27.85
C LYS A 353 -13.51 11.08 -27.31
N SER A 354 -13.56 9.95 -26.61
CA SER A 354 -14.76 9.54 -25.90
C SER A 354 -14.70 9.87 -24.42
N LEU A 355 -13.59 10.49 -23.96
CA LEU A 355 -13.49 10.92 -22.58
C LEU A 355 -14.48 12.02 -22.23
N GLY A 356 -15.00 12.73 -23.22
CA GLY A 356 -15.97 13.78 -23.02
C GLY A 356 -15.42 15.16 -23.37
N THR A 357 -16.27 16.15 -23.19
CA THR A 357 -15.95 17.54 -23.47
C THR A 357 -16.05 18.34 -22.19
N CYS A 358 -15.00 19.12 -21.89
CA CYS A 358 -15.16 20.21 -20.94
C CYS A 358 -15.46 21.49 -21.69
N ASN A 359 -15.71 22.54 -20.91
CA ASN A 359 -15.99 23.86 -21.43
C ASN A 359 -14.76 24.75 -21.30
N MET A 360 -14.55 25.59 -22.31
CA MET A 360 -13.43 26.52 -22.33
C MET A 360 -13.99 27.94 -22.44
N TYR A 361 -13.67 28.78 -21.46
CA TYR A 361 -14.08 30.16 -21.43
C TYR A 361 -12.89 31.05 -21.75
N TYR A 362 -13.08 32.05 -22.57
CA TYR A 362 -12.05 33.04 -22.85
C TYR A 362 -12.55 34.38 -23.26
N ASN A 363 -11.76 35.41 -23.04
CA ASN A 363 -12.02 36.79 -23.38
C ASN A 363 -10.69 37.50 -23.57
N ASN A 364 -10.59 38.80 -23.46
CA ASN A 364 -9.38 39.52 -23.62
C ASN A 364 -8.38 39.47 -22.55
N LYS A 365 -8.66 38.86 -21.43
CA LYS A 365 -7.69 38.92 -20.35
C LYS A 365 -7.40 37.52 -19.82
N TYR A 366 -6.11 37.18 -19.74
CA TYR A 366 -5.64 35.85 -19.37
C TYR A 366 -4.65 35.95 -18.24
N LEU A 367 -4.47 34.84 -17.51
CA LEU A 367 -3.37 34.64 -16.57
C LEU A 367 -2.42 33.60 -17.13
N ILE A 368 -1.12 33.87 -17.06
CA ILE A 368 -0.11 32.89 -17.43
C ILE A 368 0.91 32.84 -16.30
N GLU A 369 1.86 31.90 -16.43
CA GLU A 369 2.88 31.76 -15.42
C GLU A 369 3.95 32.85 -15.55
N LEU A 370 4.56 33.21 -14.41
CA LEU A 370 5.70 34.12 -14.50
C LEU A 370 6.92 33.41 -15.05
N GLU A 371 7.03 32.13 -14.85
CA GLU A 371 8.17 31.46 -15.42
C GLU A 371 7.98 31.42 -16.90
N ASP A 372 6.76 31.57 -17.34
CA ASP A 372 6.54 31.70 -18.78
C ASP A 372 6.57 33.16 -19.23
N ALA A 373 6.11 34.09 -18.39
CA ALA A 373 6.10 35.48 -18.78
C ALA A 373 7.52 35.97 -19.03
N GLN A 374 8.45 35.58 -18.17
CA GLN A 374 9.84 35.99 -18.32
C GLN A 374 10.48 35.48 -19.61
N THR A 375 9.87 34.53 -20.30
CA THR A 375 10.50 33.93 -21.47
C THR A 375 10.12 34.59 -22.79
N LEU A 376 9.19 35.56 -22.79
CA LEU A 376 8.61 36.10 -24.01
C LEU A 376 9.34 37.38 -24.41
N LEU A 377 9.75 37.44 -25.67
CA LEU A 377 10.45 38.60 -26.21
C LEU A 377 9.48 39.51 -26.95
N GLU A 378 9.88 40.78 -27.10
CA GLU A 378 9.02 41.90 -27.50
C GLU A 378 8.18 41.70 -28.76
N ASN A 379 8.48 40.67 -29.58
CA ASN A 379 7.68 40.48 -30.79
C ASN A 379 7.52 39.01 -31.16
N GLU A 380 7.56 38.11 -30.18
CA GLU A 380 7.39 36.70 -30.48
C GLU A 380 5.95 36.36 -30.81
N GLU A 381 5.78 35.28 -31.56
CA GLU A 381 4.49 34.62 -31.70
C GLU A 381 4.52 33.34 -30.88
N ILE A 382 3.45 33.09 -30.15
CA ILE A 382 3.34 31.90 -29.33
C ILE A 382 1.94 31.32 -29.51
N THR A 383 1.64 30.32 -28.72
CA THR A 383 0.41 29.55 -28.87
C THR A 383 -0.17 29.30 -27.50
N LEU A 384 -1.38 29.81 -27.26
CA LEU A 384 -2.13 29.41 -26.08
C LEU A 384 -2.86 28.10 -26.38
N ILE A 385 -2.53 27.06 -25.61
CA ILE A 385 -2.97 25.71 -25.93
C ILE A 385 -4.49 25.68 -25.95
N LYS A 386 -4.98 24.95 -26.92
CA LYS A 386 -6.38 24.79 -27.18
C LYS A 386 -7.06 26.07 -27.50
N LEU A 387 -6.32 27.05 -27.98
CA LEU A 387 -6.96 28.26 -28.37
C LEU A 387 -6.43 28.76 -29.65
N GLY A 388 -5.19 29.22 -29.66
CA GLY A 388 -4.62 29.67 -30.89
C GLY A 388 -3.40 30.49 -30.66
N ASN A 389 -2.71 30.88 -31.69
CA ASN A 389 -1.51 31.66 -31.55
C ASN A 389 -1.80 33.06 -31.33
N ILE A 390 -0.92 33.74 -30.62
CA ILE A 390 -1.01 35.17 -30.30
C ILE A 390 0.37 35.82 -30.51
N ILE A 391 0.36 37.14 -30.68
CA ILE A 391 1.56 37.93 -31.01
C ILE A 391 1.89 38.85 -29.84
N ILE A 392 3.00 38.59 -29.15
CA ILE A 392 3.41 39.44 -28.05
C ILE A 392 3.89 40.79 -28.57
N LYS A 393 3.33 41.88 -28.04
CA LYS A 393 3.65 43.24 -28.46
C LYS A 393 4.56 43.95 -27.48
N ASN A 394 4.26 43.93 -26.18
CA ASN A 394 5.16 44.59 -25.24
C ASN A 394 5.06 43.98 -23.85
N ILE A 395 6.12 44.23 -23.06
CA ILE A 395 6.40 43.59 -21.78
C ILE A 395 6.51 44.67 -20.70
N GLU A 396 5.38 45.14 -20.18
CA GLU A 396 5.43 46.22 -19.19
C GLU A 396 5.93 45.67 -17.85
N LYS A 397 7.07 46.21 -17.38
CA LYS A 397 7.79 45.74 -16.19
C LYS A 397 7.92 46.87 -15.17
N GLU A 398 6.94 46.98 -14.27
CA GLU A 398 7.02 47.94 -13.19
C GLU A 398 8.00 47.47 -12.11
N ASN A 399 8.68 48.42 -11.48
CA ASN A 399 9.72 48.12 -10.48
C ASN A 399 10.80 47.30 -11.20
N GLY A 400 11.16 46.12 -10.70
CA GLY A 400 12.03 45.23 -11.44
C GLY A 400 11.25 44.11 -12.07
N LYS A 401 10.18 43.66 -11.40
CA LYS A 401 9.38 42.52 -11.85
C LYS A 401 8.67 42.84 -13.16
N ILE A 402 8.02 41.83 -13.72
CA ILE A 402 7.12 41.99 -14.86
C ILE A 402 5.71 42.24 -14.33
N LYS A 403 5.13 43.39 -14.68
CA LYS A 403 3.78 43.68 -14.23
C LYS A 403 2.70 43.16 -15.18
N GLN A 404 2.92 43.22 -16.49
CA GLN A 404 1.84 42.89 -17.44
C GLN A 404 2.43 42.65 -18.83
N ILE A 405 1.68 41.90 -19.65
CA ILE A 405 2.06 41.60 -21.03
C ILE A 405 0.91 42.00 -21.94
N ASN A 406 1.23 42.62 -23.08
CA ASN A 406 0.22 42.99 -24.07
C ASN A 406 0.54 42.33 -25.39
N ALA A 407 -0.46 41.66 -25.98
CA ALA A 407 -0.29 40.84 -27.16
C ALA A 407 -1.45 41.09 -28.13
N LEU A 408 -1.53 40.26 -29.16
CA LEU A 408 -2.50 40.40 -30.25
C LEU A 408 -3.10 39.04 -30.59
N SER A 409 -4.41 39.00 -30.74
CA SER A 409 -5.04 37.81 -31.30
C SER A 409 -4.49 37.52 -32.68
N ASN A 410 -4.29 36.25 -32.96
CA ASN A 410 -3.82 35.81 -34.27
C ASN A 410 -4.29 34.38 -34.50
N PHE A 411 -5.53 34.08 -34.10
CA PHE A 411 -5.92 32.70 -33.83
C PHE A 411 -5.85 31.81 -35.06
N HIS A 412 -6.04 32.39 -36.25
CA HIS A 412 -6.00 31.62 -37.49
C HIS A 412 -4.58 31.51 -38.05
N THR A 418 5.43 27.34 -34.32
CA THR A 418 5.78 27.89 -33.01
C THR A 418 6.06 26.86 -31.93
N LYS A 419 7.26 26.90 -31.36
CA LYS A 419 7.65 26.00 -30.28
C LYS A 419 7.68 26.69 -28.93
N LYS A 420 6.73 27.61 -28.68
CA LYS A 420 6.48 28.17 -27.35
C LYS A 420 4.96 28.11 -27.13
N LYS A 421 4.46 26.91 -26.86
CA LYS A 421 3.05 26.66 -26.60
C LYS A 421 2.82 26.64 -25.10
N ILE A 422 2.09 27.63 -24.58
CA ILE A 422 1.88 27.74 -23.13
C ILE A 422 0.41 27.56 -22.78
N HIS A 423 0.19 27.14 -21.52
CA HIS A 423 -1.14 27.02 -20.94
C HIS A 423 -1.52 28.31 -20.21
N TRP A 424 -2.83 28.47 -20.01
CA TRP A 424 -3.39 29.76 -19.65
C TRP A 424 -4.69 29.56 -18.89
N LEU A 425 -5.11 30.62 -18.20
CA LEU A 425 -6.40 30.68 -17.59
C LEU A 425 -7.11 31.95 -18.03
N PRO A 426 -8.42 31.92 -18.19
CA PRO A 426 -9.16 33.17 -18.46
C PRO A 426 -9.30 33.94 -17.17
N TYR A 427 -8.93 35.22 -17.19
CA TYR A 427 -9.04 36.03 -15.96
C TYR A 427 -10.51 36.31 -15.68
N LEU A 428 -11.15 35.31 -15.07
CA LEU A 428 -12.56 35.36 -14.68
C LEU A 428 -12.61 34.90 -13.23
N PRO A 429 -12.32 35.80 -12.28
CA PRO A 429 -12.11 35.35 -10.90
C PRO A 429 -13.35 34.81 -10.23
N GLN A 430 -14.54 35.23 -10.60
CA GLN A 430 -15.70 34.63 -9.96
C GLN A 430 -15.96 33.21 -10.43
N GLN A 431 -15.20 32.71 -11.42
CA GLN A 431 -15.38 31.36 -11.92
C GLN A 431 -14.18 30.45 -11.77
N LEU A 432 -12.98 31.00 -11.56
CA LEU A 432 -11.80 30.19 -11.39
C LEU A 432 -11.82 29.48 -10.04
N ILE A 433 -11.30 28.25 -10.01
CA ILE A 433 -11.36 27.39 -8.84
C ILE A 433 -10.02 27.43 -8.14
N THR A 434 -10.03 27.57 -6.81
CA THR A 434 -8.80 27.68 -6.05
C THR A 434 -8.40 26.34 -5.43
N CYS A 435 -7.12 26.02 -5.57
CA CYS A 435 -6.63 24.68 -5.31
C CYS A 435 -5.32 24.73 -4.55
N THR A 436 -5.18 23.85 -3.57
CA THR A 436 -3.92 23.66 -2.86
C THR A 436 -3.30 22.37 -3.35
N LEU A 437 -2.08 22.48 -3.85
CA LEU A 437 -1.30 21.37 -4.35
C LEU A 437 -0.43 20.85 -3.21
N TYR A 438 -0.67 19.60 -2.82
CA TYR A 438 0.14 18.91 -1.83
C TYR A 438 1.16 18.04 -2.56
N GLU A 439 2.44 18.33 -2.34
CA GLU A 439 3.54 17.56 -2.87
C GLU A 439 4.30 16.95 -1.70
N TYR A 440 4.68 15.69 -1.83
CA TYR A 440 5.20 14.94 -0.70
C TYR A 440 6.57 14.37 -1.02
N ASP A 441 7.42 14.26 -0.01
CA ASP A 441 8.71 13.61 -0.18
C ASP A 441 8.77 12.34 0.65
N HIS A 442 9.88 11.61 0.55
CA HIS A 442 10.01 10.38 1.31
C HIS A 442 10.06 10.69 2.79
N LEU A 443 9.58 9.74 3.61
CA LEU A 443 9.57 10.00 5.04
C LEU A 443 10.98 10.00 5.60
N ILE A 444 11.79 9.00 5.24
CA ILE A 444 13.12 8.88 5.84
C ILE A 444 14.20 9.16 4.81
N THR A 445 15.41 9.46 5.32
CA THR A 445 16.49 9.94 4.46
C THR A 445 17.40 8.81 3.98
N VAL A 446 17.65 7.79 4.81
CA VAL A 446 18.47 6.64 4.45
C VAL A 446 17.59 5.61 3.76
N ASP A 447 18.20 4.60 3.12
CA ASP A 447 17.43 3.59 2.40
C ASP A 447 16.92 2.46 3.29
N LYS A 448 17.53 2.23 4.46
CA LYS A 448 17.04 1.19 5.38
C LYS A 448 17.56 1.27 6.83
N ASP A 455 16.57 2.93 18.54
CA ASP A 455 17.99 3.24 18.64
C ASP A 455 18.36 4.32 17.60
N ASP A 456 18.13 5.58 17.98
CA ASP A 456 18.58 6.76 17.25
C ASP A 456 18.39 6.69 15.74
N TRP A 457 17.27 6.11 15.28
CA TRP A 457 16.95 6.17 13.85
C TRP A 457 16.09 7.38 13.50
N THR A 458 15.49 8.03 14.50
CA THR A 458 14.66 9.18 14.21
C THR A 458 15.47 10.38 13.74
N ASN A 459 16.80 10.31 13.79
CA ASN A 459 17.60 11.38 13.24
C ASN A 459 17.61 11.39 11.71
N PHE A 460 17.03 10.36 11.09
CA PHE A 460 17.03 10.22 9.64
C PHE A 460 15.64 10.47 9.04
N ILE A 461 14.89 11.42 9.60
CA ILE A 461 13.54 11.69 9.16
C ILE A 461 13.56 13.00 8.38
N ASN A 462 12.64 13.12 7.43
CA ASN A 462 12.36 14.39 6.78
C ASN A 462 11.02 14.87 7.32
N PHE A 463 11.06 15.89 8.15
CA PHE A 463 9.82 16.46 8.67
C PHE A 463 9.20 17.44 7.68
N ASN A 464 10.03 18.21 6.98
CA ASN A 464 9.54 19.15 5.97
C ASN A 464 9.50 18.47 4.60
N SER A 465 8.54 17.57 4.47
CA SER A 465 8.29 16.78 3.29
C SER A 465 6.81 16.82 2.95
N LYS A 466 6.17 17.95 3.20
CA LYS A 466 4.78 18.18 2.79
C LYS A 466 4.70 19.63 2.32
N HIS A 467 4.71 19.81 1.00
CA HIS A 467 4.80 21.12 0.36
C HIS A 467 3.43 21.54 -0.16
N GLU A 468 2.99 22.75 0.18
CA GLU A 468 1.75 23.29 -0.34
C GLU A 468 2.02 24.44 -1.30
N THR A 469 1.29 24.46 -2.41
CA THR A 469 1.33 25.60 -3.32
C THR A 469 -0.09 25.92 -3.78
N LEU A 470 -0.43 27.20 -3.88
CA LEU A 470 -1.79 27.60 -4.24
C LEU A 470 -1.85 27.94 -5.72
N VAL A 471 -2.88 27.45 -6.40
CA VAL A 471 -3.09 27.73 -7.81
C VAL A 471 -4.54 28.11 -8.02
N TYR A 472 -4.76 28.82 -9.12
CA TYR A 472 -6.05 28.84 -9.77
C TYR A 472 -6.07 27.71 -10.81
N ALA A 473 -7.25 27.11 -11.00
CA ALA A 473 -7.51 26.15 -12.07
C ALA A 473 -8.77 26.52 -12.82
N GLU A 474 -8.80 26.14 -14.10
CA GLU A 474 -9.91 26.15 -15.05
C GLU A 474 -11.28 26.01 -14.43
N PRO A 475 -12.27 26.79 -14.88
CA PRO A 475 -13.62 26.63 -14.31
C PRO A 475 -14.19 25.24 -14.44
N SER A 476 -13.99 24.57 -15.59
CA SER A 476 -14.62 23.27 -15.83
C SER A 476 -14.18 22.20 -14.83
N ILE A 477 -13.09 22.43 -14.10
CA ILE A 477 -12.63 21.48 -13.09
C ILE A 477 -13.63 21.32 -11.95
N SER A 478 -14.60 22.22 -11.83
CA SER A 478 -15.63 21.99 -10.82
C SER A 478 -16.44 20.75 -11.10
N SER A 479 -16.27 20.15 -12.28
CA SER A 479 -16.99 18.93 -12.60
C SER A 479 -16.52 17.76 -11.73
N LEU A 480 -15.24 17.74 -11.37
CA LEU A 480 -14.62 16.57 -10.76
C LEU A 480 -15.27 16.22 -9.43
N LYS A 481 -15.16 14.94 -9.08
CA LYS A 481 -15.61 14.37 -7.82
C LYS A 481 -14.42 13.75 -7.11
N VAL A 482 -14.48 13.73 -5.77
CA VAL A 482 -13.36 13.24 -4.95
C VAL A 482 -12.96 11.84 -5.40
N SER A 483 -11.64 11.59 -5.44
CA SER A 483 -10.94 10.38 -5.90
C SER A 483 -10.53 10.44 -7.38
N ASP A 484 -11.00 11.43 -8.14
CA ASP A 484 -10.72 11.51 -9.57
C ASP A 484 -9.26 11.87 -9.84
N LYS A 485 -8.70 11.24 -10.87
CA LYS A 485 -7.34 11.51 -11.32
C LYS A 485 -7.38 12.35 -12.59
N PHE A 486 -6.48 13.34 -12.66
CA PHE A 486 -6.40 14.21 -13.83
C PHE A 486 -4.98 14.75 -13.96
N GLN A 487 -4.78 15.56 -14.98
CA GLN A 487 -3.47 16.17 -15.18
C GLN A 487 -3.59 17.68 -15.31
N PHE A 488 -2.73 18.39 -14.59
CA PHE A 488 -2.52 19.81 -14.80
C PHE A 488 -1.46 19.98 -15.87
N GLU A 489 -1.84 20.65 -16.96
CA GLU A 489 -0.99 20.76 -18.14
C GLU A 489 0.37 21.33 -17.75
N ARG A 490 1.42 20.65 -18.21
CA ARG A 490 2.81 21.06 -18.00
C ARG A 490 3.13 21.25 -16.52
N ARG A 491 2.29 20.66 -15.67
CA ARG A 491 2.57 20.55 -14.24
C ARG A 491 2.80 19.11 -13.80
N GLY A 492 1.83 18.24 -14.00
CA GLY A 492 1.94 16.90 -13.47
C GLY A 492 0.56 16.30 -13.25
N TYR A 493 0.55 15.20 -12.52
CA TYR A 493 -0.67 14.43 -12.36
C TYR A 493 -1.17 14.59 -10.94
N PHE A 494 -2.49 14.61 -10.78
CA PHE A 494 -3.08 14.92 -9.49
C PHE A 494 -4.29 14.04 -9.24
N ILE A 495 -4.61 13.89 -7.97
CA ILE A 495 -5.85 13.25 -7.53
C ILE A 495 -6.56 14.21 -6.58
N LEU A 496 -7.88 14.27 -6.69
CA LEU A 496 -8.68 15.20 -5.89
C LEU A 496 -8.95 14.55 -4.54
N ASP A 497 -8.32 15.05 -3.49
CA ASP A 497 -8.48 14.40 -2.20
C ASP A 497 -9.79 14.80 -1.52
N LYS A 498 -9.88 16.03 -1.03
CA LYS A 498 -11.11 16.54 -0.43
C LYS A 498 -11.59 17.79 -1.17
N ILE A 499 -12.81 18.20 -0.88
CA ILE A 499 -13.34 19.49 -1.34
C ILE A 499 -13.76 20.27 -0.11
N ASP A 500 -13.08 21.40 0.12
CA ASP A 500 -13.36 22.24 1.26
C ASP A 500 -14.63 23.05 1.01
N PRO A 501 -15.16 23.71 2.03
CA PRO A 501 -16.26 24.66 1.80
C PRO A 501 -15.78 25.87 1.03
N HIS A 502 -16.66 26.35 0.14
CA HIS A 502 -16.34 27.36 -0.88
C HIS A 502 -15.54 26.74 -2.03
N HIS A 503 -15.89 25.50 -2.39
CA HIS A 503 -15.31 24.77 -3.52
C HIS A 503 -13.78 24.86 -3.58
N HIS A 504 -13.13 24.98 -2.43
CA HIS A 504 -11.68 24.94 -2.36
C HIS A 504 -11.22 23.48 -2.53
N LEU A 505 -10.34 23.24 -3.49
CA LEU A 505 -9.93 21.87 -3.75
C LEU A 505 -8.55 21.59 -3.15
N HIS A 506 -8.40 20.37 -2.64
CA HIS A 506 -7.12 19.84 -2.16
C HIS A 506 -6.68 18.77 -3.15
N LEU A 507 -5.53 18.97 -3.76
CA LEU A 507 -5.07 18.08 -4.82
C LEU A 507 -3.75 17.47 -4.40
N ILE A 508 -3.71 16.14 -4.31
CA ILE A 508 -2.48 15.43 -4.01
C ILE A 508 -1.76 15.17 -5.32
N LYS A 509 -0.45 15.36 -5.34
CA LYS A 509 0.30 15.13 -6.56
C LYS A 509 0.73 13.67 -6.67
N ILE A 510 0.52 13.07 -7.84
CA ILE A 510 0.86 11.71 -8.12
C ILE A 510 2.31 11.68 -8.72
N PRO A 511 3.25 11.02 -8.10
CA PRO A 511 4.60 11.00 -8.69
C PRO A 511 4.53 10.33 -10.06
N ASP A 512 5.51 10.67 -10.91
CA ASP A 512 5.44 10.25 -12.31
C ASP A 512 6.67 9.45 -12.77
N GLY A 513 7.57 9.10 -11.86
CA GLY A 513 8.67 8.20 -12.17
C GLY A 513 9.55 8.52 -13.36
#